data_6LLM
#
_entry.id   6LLM
#
_cell.length_a   130.925
_cell.length_b   130.925
_cell.length_c   130.925
_cell.angle_alpha   90.000
_cell.angle_beta   90.000
_cell.angle_gamma   90.000
#
_symmetry.space_group_name_H-M   'P 21 3'
#
loop_
_entity.id
_entity.type
_entity.pdbx_description
1 polymer 'Terminal oxygenase component of carbazole'
2 non-polymer 'FE (II) ION'
3 non-polymer 'FE2/S2 (INORGANIC) CLUSTER'
4 non-polymer BIPHENYL-2,3-DIOL
5 non-polymer 2-AMINO-2-HYDROXYMETHYL-PROPANE-1,3-DIOL
6 non-polymer 'DIMETHYL SULFOXIDE'
7 water water
#
_entity_poly.entity_id   1
_entity_poly.type   'polypeptide(L)'
_entity_poly.pdbx_seq_one_letter_code
;MANVDEAILKRVKGWAPYVDAKLGFRNHWYPVMFSKEINEGEPKTLKLLGENLLVNRIDGKLYCLKDRCLHRGVQLSVKV
ECKTKSTITCWYHAWTYRWEDGVLCDILTNPTSAQIGRQKLKTYPVQEAKGCVFIYLGDGDPPPLARDTPPNFLDDDMEI
LGKNQIIKSNWRLAVENGFDPSHIYIHKDSILVKDNDLALPLGFAPGGDRKQQTRVVDDDVVGRKGVYDLIGEHGVPVFE
GTIGGEVVREGAYGEKIVANDISIWLPGVLKVNPFPNPDMMQFEWYVPIDENTHYYFQTLGKPCANDEERKKYEQEFESK
WKPMALEGFNNDDIWAREAMVDFYADDKGWVNEILFESDEAIVAWRKLASEHNQGIQTQAHVSGLEHHHHHH
;
_entity_poly.pdbx_strand_id   A
#
loop_
_chem_comp.id
_chem_comp.type
_chem_comp.name
_chem_comp.formula
BPY non-polymer BIPHENYL-2,3-DIOL 'C12 H10 O2'
DMS non-polymer 'DIMETHYL SULFOXIDE' 'C2 H6 O S'
FE2 non-polymer 'FE (II) ION' 'Fe 2'
FES non-polymer 'FE2/S2 (INORGANIC) CLUSTER' 'Fe2 S2'
TRS non-polymer 2-AMINO-2-HYDROXYMETHYL-PROPANE-1,3-DIOL 'C4 H12 N O3 1'
#
# COMPACT_ATOMS: atom_id res chain seq x y z
N ALA A 2 -16.75 -0.42 -14.39
CA ALA A 2 -15.76 -1.32 -15.08
C ALA A 2 -15.61 -2.65 -14.30
N ASN A 3 -15.49 -2.58 -12.96
CA ASN A 3 -15.20 -3.76 -12.13
C ASN A 3 -16.43 -4.19 -11.31
N VAL A 4 -17.42 -3.32 -11.16
CA VAL A 4 -18.49 -3.57 -10.25
C VAL A 4 -19.79 -3.33 -11.01
N ASP A 5 -20.80 -4.11 -10.68
CA ASP A 5 -22.21 -3.96 -11.15
C ASP A 5 -22.61 -2.48 -11.16
N GLU A 6 -23.00 -1.98 -12.35
CA GLU A 6 -23.49 -0.58 -12.54
C GLU A 6 -24.58 -0.22 -11.55
N ALA A 7 -25.42 -1.17 -11.14
CA ALA A 7 -26.51 -0.87 -10.24
C ALA A 7 -25.96 -0.46 -8.87
N ILE A 8 -24.88 -1.11 -8.41
CA ILE A 8 -24.25 -0.72 -7.12
C ILE A 8 -23.60 0.66 -7.29
N LEU A 9 -22.83 0.83 -8.37
CA LEU A 9 -22.09 2.10 -8.62
C LEU A 9 -23.05 3.30 -8.61
N LYS A 10 -24.25 3.09 -9.15
CA LYS A 10 -25.28 4.13 -9.20
C LYS A 10 -25.63 4.59 -7.78
N ARG A 11 -25.66 3.65 -6.82
CA ARG A 11 -26.06 3.93 -5.42
C ARG A 11 -24.94 4.53 -4.54
N VAL A 12 -23.72 4.66 -5.05
CA VAL A 12 -22.69 5.29 -4.23
C VAL A 12 -22.11 6.54 -4.92
N LYS A 13 -22.90 7.24 -5.75
CA LYS A 13 -22.71 8.67 -6.17
C LYS A 13 -21.54 9.38 -5.49
N GLY A 14 -21.60 9.49 -4.15
CA GLY A 14 -20.51 10.10 -3.38
C GLY A 14 -19.09 9.65 -3.79
N TRP A 15 -18.91 8.38 -4.28
CA TRP A 15 -17.59 7.74 -4.28
CA TRP A 15 -17.60 7.76 -4.28
C TRP A 15 -17.53 6.51 -5.18
N ALA A 16 -18.13 6.57 -6.36
CA ALA A 16 -18.23 5.44 -7.20
C ALA A 16 -16.87 4.98 -7.73
N PRO A 17 -15.94 5.87 -8.16
CA PRO A 17 -14.66 5.40 -8.66
C PRO A 17 -13.92 4.54 -7.62
N TYR A 18 -13.96 4.95 -6.36
CA TYR A 18 -13.34 4.20 -5.29
C TYR A 18 -13.99 2.84 -5.12
N VAL A 19 -15.33 2.77 -5.16
CA VAL A 19 -16.02 1.46 -5.11
C VAL A 19 -15.65 0.59 -6.32
N ASP A 20 -15.38 1.18 -7.48
CA ASP A 20 -15.05 0.43 -8.66
C ASP A 20 -13.60 -0.08 -8.63
N ALA A 21 -12.77 0.55 -7.79
CA ALA A 21 -11.30 0.30 -7.80
C ALA A 21 -10.91 -0.88 -6.93
N LYS A 22 -11.56 -2.01 -7.17
CA LYS A 22 -11.32 -3.30 -6.55
C LYS A 22 -9.88 -3.79 -6.72
N LEU A 23 -9.26 -3.53 -7.88
CA LEU A 23 -7.93 -3.92 -8.20
C LEU A 23 -6.90 -2.83 -7.91
N GLY A 24 -7.31 -1.68 -7.34
CA GLY A 24 -6.44 -0.58 -7.05
C GLY A 24 -6.37 0.49 -8.12
N PHE A 25 -5.55 1.48 -7.86
CA PHE A 25 -5.36 2.63 -8.75
C PHE A 25 -4.09 2.47 -9.59
N ARG A 26 -4.27 2.53 -10.90
CA ARG A 26 -3.19 2.53 -11.85
C ARG A 26 -2.52 3.91 -11.84
N ASN A 27 -1.22 3.97 -12.23
CA ASN A 27 -0.46 5.23 -12.42
C ASN A 27 -0.12 5.86 -11.06
N HIS A 28 0.25 4.98 -10.12
CA HIS A 28 0.87 5.30 -8.91
C HIS A 28 2.05 4.36 -8.65
N TRP A 29 2.92 4.84 -7.77
CA TRP A 29 4.01 4.09 -7.18
C TRP A 29 3.51 3.24 -6.01
N TYR A 30 4.05 2.04 -5.90
CA TYR A 30 3.77 1.12 -4.85
C TYR A 30 5.04 0.44 -4.39
N PRO A 31 5.25 0.30 -3.06
CA PRO A 31 6.33 -0.53 -2.56
C PRO A 31 5.94 -2.02 -2.56
N VAL A 32 6.89 -2.92 -2.91
CA VAL A 32 6.58 -4.32 -3.04
C VAL A 32 7.53 -5.24 -2.29
N MET A 33 8.76 -4.76 -2.01
CA MET A 33 9.69 -5.56 -1.24
C MET A 33 10.75 -4.58 -0.73
N PHE A 34 11.65 -5.11 0.09
CA PHE A 34 12.82 -4.31 0.55
C PHE A 34 14.00 -4.57 -0.39
N SER A 35 14.83 -3.54 -0.60
CA SER A 35 16.11 -3.61 -1.41
C SER A 35 16.94 -4.86 -1.10
N LYS A 36 17.07 -5.20 0.19
CA LYS A 36 17.99 -6.25 0.59
C LYS A 36 17.45 -7.62 0.17
N GLU A 37 16.18 -7.69 -0.24
CA GLU A 37 15.59 -8.97 -0.61
C GLU A 37 15.90 -9.29 -2.07
N ILE A 38 16.50 -8.36 -2.81
CA ILE A 38 16.74 -8.69 -4.20
C ILE A 38 18.21 -8.43 -4.53
N ASN A 39 18.88 -9.51 -4.90
CA ASN A 39 20.33 -9.45 -5.16
C ASN A 39 20.62 -9.39 -6.66
N GLU A 40 21.85 -8.99 -6.93
CA GLU A 40 22.34 -8.89 -8.29
C GLU A 40 22.08 -10.20 -9.02
N GLY A 41 21.45 -10.11 -10.20
CA GLY A 41 21.27 -11.23 -11.08
C GLY A 41 20.37 -12.32 -10.54
N GLU A 42 19.49 -12.04 -9.55
CA GLU A 42 18.57 -13.05 -9.00
C GLU A 42 17.14 -12.56 -9.09
N PRO A 43 16.50 -12.69 -10.26
CA PRO A 43 15.18 -12.11 -10.48
C PRO A 43 14.14 -12.64 -9.49
N LYS A 44 13.17 -11.80 -9.20
CA LYS A 44 12.06 -12.21 -8.33
C LYS A 44 10.75 -11.99 -9.06
N THR A 45 9.76 -12.81 -8.70
CA THR A 45 8.39 -12.71 -9.20
C THR A 45 7.49 -12.11 -8.10
N LEU A 46 6.52 -11.29 -8.49
CA LEU A 46 5.47 -10.83 -7.61
C LEU A 46 4.27 -10.46 -8.47
N LYS A 47 3.12 -10.34 -7.81
CA LYS A 47 1.93 -9.87 -8.44
C LYS A 47 1.54 -8.50 -7.85
N LEU A 48 1.25 -7.53 -8.71
CA LEU A 48 0.92 -6.17 -8.32
C LEU A 48 -0.25 -5.67 -9.16
N LEU A 49 -1.37 -5.22 -8.53
CA LEU A 49 -2.56 -4.81 -9.28
C LEU A 49 -3.02 -5.89 -10.26
N GLY A 50 -2.84 -7.14 -9.86
CA GLY A 50 -3.30 -8.28 -10.62
C GLY A 50 -2.33 -8.74 -11.70
N GLU A 51 -1.25 -7.99 -11.87
CA GLU A 51 -0.24 -8.25 -12.93
C GLU A 51 0.95 -9.02 -12.36
N ASN A 52 1.35 -10.06 -13.06
CA ASN A 52 2.53 -10.83 -12.70
C ASN A 52 3.76 -10.12 -13.29
N LEU A 53 4.70 -9.80 -12.42
CA LEU A 53 5.88 -8.99 -12.76
C LEU A 53 7.14 -9.75 -12.38
N LEU A 54 8.22 -9.42 -13.09
CA LEU A 54 9.52 -9.88 -12.74
C LEU A 54 10.36 -8.66 -12.42
N VAL A 55 11.21 -8.79 -11.42
CA VAL A 55 12.13 -7.70 -11.05
C VAL A 55 13.53 -8.30 -11.04
N ASN A 56 14.51 -7.54 -11.56
CA ASN A 56 15.91 -8.02 -11.54
C ASN A 56 16.79 -6.82 -11.18
N ARG A 57 17.97 -7.14 -10.65
CA ARG A 57 19.00 -6.17 -10.30
C ARG A 57 20.18 -6.40 -11.24
N ILE A 58 20.52 -5.39 -12.04
CA ILE A 58 21.59 -5.55 -13.06
C ILE A 58 22.50 -4.32 -12.96
N ASP A 59 23.78 -4.61 -12.68
CA ASP A 59 24.76 -3.60 -12.32
C ASP A 59 24.20 -2.67 -11.22
N GLY A 60 23.60 -3.29 -10.20
CA GLY A 60 23.10 -2.58 -9.08
C GLY A 60 21.73 -1.95 -9.27
N LYS A 61 21.21 -1.83 -10.49
CA LYS A 61 19.98 -1.09 -10.77
C LYS A 61 18.80 -2.09 -11.02
N LEU A 62 17.59 -1.71 -10.57
CA LEU A 62 16.42 -2.56 -10.70
C LEU A 62 15.69 -2.27 -12.01
N TYR A 63 15.16 -3.36 -12.55
CA TYR A 63 14.35 -3.36 -13.76
C TYR A 63 13.13 -4.28 -13.55
N CYS A 64 12.04 -3.93 -14.22
CA CYS A 64 10.76 -4.65 -14.03
C CYS A 64 10.13 -4.88 -15.41
N LEU A 65 9.87 -6.17 -15.70
CA LEU A 65 9.25 -6.69 -16.90
C LEU A 65 7.95 -7.39 -16.48
N LYS A 66 6.91 -7.28 -17.31
CA LYS A 66 5.77 -8.18 -17.22
C LYS A 66 6.23 -9.62 -17.39
N ASP A 67 5.82 -10.45 -16.43
CA ASP A 67 6.10 -11.89 -16.40
C ASP A 67 5.05 -12.64 -17.22
N ARG A 68 5.00 -12.38 -18.52
CA ARG A 68 4.11 -13.06 -19.43
C ARG A 68 4.67 -12.92 -20.86
N CYS A 69 5.14 -14.02 -21.40
CA CYS A 69 5.67 -14.05 -22.76
C CYS A 69 4.60 -13.63 -23.75
N LEU A 70 4.99 -12.86 -24.76
CA LEU A 70 4.08 -12.36 -25.79
C LEU A 70 3.59 -13.49 -26.69
N HIS A 71 4.34 -14.59 -26.79
CA HIS A 71 4.07 -15.65 -27.70
C HIS A 71 2.82 -16.48 -27.25
N ARG A 72 2.98 -17.38 -26.28
CA ARG A 72 1.93 -18.24 -25.82
C ARG A 72 1.50 -17.90 -24.40
N GLY A 73 1.92 -16.76 -23.87
CA GLY A 73 1.34 -16.26 -22.60
C GLY A 73 1.75 -17.01 -21.34
N VAL A 74 2.85 -17.75 -21.37
CA VAL A 74 3.41 -18.41 -20.16
C VAL A 74 4.19 -17.41 -19.33
N GLN A 75 4.29 -17.70 -18.04
CA GLN A 75 5.19 -16.95 -17.18
C GLN A 75 6.62 -17.34 -17.51
N LEU A 76 7.46 -16.35 -17.81
CA LEU A 76 8.91 -16.60 -17.99
CA LEU A 76 8.89 -16.66 -17.99
C LEU A 76 9.50 -17.21 -16.71
N SER A 77 8.97 -16.79 -15.57
CA SER A 77 9.50 -17.25 -14.29
C SER A 77 9.30 -18.73 -13.99
N VAL A 78 8.49 -19.50 -14.73
CA VAL A 78 8.39 -20.92 -14.54
C VAL A 78 9.80 -21.54 -14.61
N LYS A 79 10.66 -21.07 -15.55
CA LYS A 79 12.05 -21.45 -15.61
C LYS A 79 12.84 -20.27 -16.21
N VAL A 80 13.53 -19.56 -15.33
CA VAL A 80 14.19 -18.36 -15.70
C VAL A 80 15.45 -18.76 -16.48
N GLU A 81 15.69 -18.13 -17.62
CA GLU A 81 16.95 -18.30 -18.35
C GLU A 81 17.45 -16.89 -18.68
N CYS A 82 18.33 -16.36 -17.85
CA CYS A 82 19.00 -15.09 -18.18
C CYS A 82 20.37 -15.47 -18.73
N LYS A 83 20.51 -15.36 -20.06
CA LYS A 83 21.71 -15.89 -20.73
C LYS A 83 22.69 -14.76 -21.09
N THR A 84 22.29 -13.50 -20.98
CA THR A 84 23.18 -12.35 -21.05
C THR A 84 22.69 -11.40 -20.00
N LYS A 85 23.58 -10.54 -19.54
CA LYS A 85 23.23 -9.70 -18.46
C LYS A 85 22.02 -8.82 -18.82
N SER A 86 21.93 -8.39 -20.09
CA SER A 86 20.92 -7.45 -20.54
C SER A 86 19.54 -8.11 -20.82
N THR A 87 19.47 -9.44 -20.85
CA THR A 87 18.31 -10.10 -21.39
C THR A 87 17.74 -11.21 -20.50
N ILE A 88 16.50 -11.60 -20.83
CA ILE A 88 15.90 -12.84 -20.34
C ILE A 88 15.33 -13.55 -21.54
N THR A 89 15.47 -14.87 -21.54
CA THR A 89 15.01 -15.74 -22.59
C THR A 89 13.84 -16.63 -22.10
N CYS A 90 12.69 -16.56 -22.76
CA CYS A 90 11.62 -17.47 -22.40
C CYS A 90 12.09 -18.91 -22.56
N TRP A 91 11.76 -19.74 -21.56
CA TRP A 91 12.10 -21.15 -21.50
C TRP A 91 11.38 -21.97 -22.57
N TYR A 92 10.34 -21.45 -23.19
CA TYR A 92 9.53 -22.29 -24.04
C TYR A 92 10.02 -22.35 -25.51
N HIS A 93 10.05 -21.19 -26.19
CA HIS A 93 10.59 -21.10 -27.59
C HIS A 93 11.69 -20.03 -27.71
N ALA A 94 12.21 -19.61 -26.58
CA ALA A 94 13.41 -18.78 -26.47
C ALA A 94 13.22 -17.39 -27.10
N TRP A 95 12.00 -16.84 -27.09
CA TRP A 95 11.87 -15.38 -27.29
C TRP A 95 12.67 -14.65 -26.20
N THR A 96 13.53 -13.68 -26.60
CA THR A 96 14.47 -13.06 -25.72
C THR A 96 14.20 -11.57 -25.69
N TYR A 97 14.08 -11.04 -24.47
CA TYR A 97 13.66 -9.69 -24.19
C TYR A 97 14.77 -8.93 -23.44
N ARG A 98 14.91 -7.65 -23.73
CA ARG A 98 15.83 -6.79 -22.99
CA ARG A 98 15.83 -6.77 -23.00
C ARG A 98 15.15 -6.28 -21.70
N TRP A 99 15.87 -6.34 -20.57
CA TRP A 99 15.36 -5.84 -19.33
C TRP A 99 15.13 -4.37 -19.41
N GLU A 100 15.95 -3.65 -20.22
CA GLU A 100 15.92 -2.22 -20.19
C GLU A 100 14.66 -1.63 -20.85
N ASP A 101 14.14 -2.21 -21.94
CA ASP A 101 13.01 -1.62 -22.62
C ASP A 101 11.97 -2.67 -23.02
N GLY A 102 12.22 -3.93 -22.66
CA GLY A 102 11.29 -5.04 -22.95
C GLY A 102 11.30 -5.49 -24.40
N VAL A 103 12.18 -4.93 -25.24
CA VAL A 103 12.07 -5.21 -26.67
C VAL A 103 12.50 -6.65 -26.91
N LEU A 104 11.77 -7.33 -27.80
CA LEU A 104 12.11 -8.63 -28.28
C LEU A 104 13.33 -8.50 -29.21
N CYS A 105 14.52 -8.87 -28.72
CA CYS A 105 15.77 -8.58 -29.43
C CYS A 105 16.33 -9.82 -30.12
N ASP A 106 15.85 -11.02 -29.77
CA ASP A 106 16.35 -12.24 -30.42
C ASP A 106 15.33 -13.38 -30.16
N ILE A 107 15.32 -14.37 -31.03
CA ILE A 107 14.56 -15.63 -30.82
C ILE A 107 15.52 -16.75 -31.12
N LEU A 108 15.97 -17.44 -30.06
CA LEU A 108 17.01 -18.51 -30.24
C LEU A 108 16.50 -19.61 -31.18
N THR A 109 15.20 -19.89 -31.17
CA THR A 109 14.65 -20.97 -31.96
C THR A 109 14.48 -20.58 -33.42
N ASN A 110 14.60 -19.29 -33.76
CA ASN A 110 14.45 -18.87 -35.14
C ASN A 110 14.98 -17.46 -35.28
N PRO A 111 16.31 -17.32 -35.47
CA PRO A 111 16.92 -15.99 -35.55
C PRO A 111 16.56 -15.24 -36.82
N THR A 112 15.75 -15.83 -37.70
CA THR A 112 15.29 -15.18 -38.90
C THR A 112 13.89 -14.64 -38.74
N SER A 113 13.26 -14.89 -37.57
CA SER A 113 11.89 -14.54 -37.41
C SER A 113 11.67 -13.03 -37.70
N ALA A 114 10.59 -12.76 -38.40
CA ALA A 114 10.16 -11.39 -38.66
C ALA A 114 9.64 -10.65 -37.40
N GLN A 115 9.42 -11.38 -36.28
CA GLN A 115 8.98 -10.79 -35.04
C GLN A 115 10.11 -10.06 -34.35
N ILE A 116 11.37 -10.39 -34.64
CA ILE A 116 12.46 -9.82 -33.89
C ILE A 116 12.56 -8.30 -34.13
N GLY A 117 12.66 -7.53 -33.06
CA GLY A 117 12.70 -6.11 -33.09
C GLY A 117 11.34 -5.44 -33.23
N ARG A 118 10.28 -6.23 -33.45
CA ARG A 118 8.97 -5.72 -33.78
C ARG A 118 7.90 -6.03 -32.67
N GLN A 119 8.32 -6.46 -31.49
CA GLN A 119 7.42 -6.73 -30.37
C GLN A 119 8.16 -6.27 -29.13
N LYS A 120 7.40 -5.96 -28.08
CA LYS A 120 7.99 -5.43 -26.85
C LYS A 120 7.09 -5.86 -25.68
N LEU A 121 7.71 -6.38 -24.65
CA LEU A 121 7.02 -6.72 -23.38
C LEU A 121 6.86 -5.45 -22.57
N LYS A 122 5.75 -5.31 -21.86
CA LYS A 122 5.53 -4.19 -20.98
C LYS A 122 6.62 -4.17 -19.90
N THR A 123 7.18 -2.98 -19.64
CA THR A 123 8.11 -2.70 -18.54
C THR A 123 7.44 -1.67 -17.64
N TYR A 124 7.86 -1.61 -16.37
CA TYR A 124 7.41 -0.58 -15.47
C TYR A 124 8.62 0.06 -14.80
N PRO A 125 8.59 1.36 -14.50
CA PRO A 125 9.65 1.97 -13.72
C PRO A 125 9.76 1.41 -12.30
N VAL A 126 10.99 1.29 -11.84
CA VAL A 126 11.30 0.81 -10.51
CA VAL A 126 11.26 0.84 -10.51
C VAL A 126 12.29 1.81 -9.92
N GLN A 127 12.06 2.18 -8.67
CA GLN A 127 13.00 3.06 -7.89
C GLN A 127 13.21 2.46 -6.51
N GLU A 128 14.42 2.56 -5.94
CA GLU A 128 14.62 2.22 -4.56
C GLU A 128 14.77 3.49 -3.74
N ALA A 129 14.11 3.55 -2.58
CA ALA A 129 14.28 4.67 -1.68
C ALA A 129 14.07 4.18 -0.26
N LYS A 130 14.96 4.57 0.65
CA LYS A 130 14.86 4.21 2.07
C LYS A 130 14.87 2.71 2.25
N GLY A 131 15.62 2.03 1.37
CA GLY A 131 15.74 0.56 1.40
C GLY A 131 14.48 -0.20 0.94
N CYS A 132 13.54 0.51 0.32
CA CYS A 132 12.21 0.01 -0.21
C CYS A 132 12.21 0.08 -1.75
N VAL A 133 11.67 -0.98 -2.38
CA VAL A 133 11.52 -1.08 -3.81
C VAL A 133 10.10 -0.65 -4.20
N PHE A 134 10.01 0.44 -4.95
CA PHE A 134 8.77 0.95 -5.48
C PHE A 134 8.69 0.66 -6.99
N ILE A 135 7.51 0.20 -7.42
CA ILE A 135 7.18 0.03 -8.80
C ILE A 135 6.12 1.03 -9.19
N TYR A 136 6.35 1.72 -10.33
CA TYR A 136 5.33 2.57 -10.86
C TYR A 136 4.41 1.73 -11.75
N LEU A 137 3.24 1.32 -11.22
CA LEU A 137 2.36 0.46 -11.99
C LEU A 137 1.48 1.37 -12.81
N GLY A 138 2.04 1.78 -13.95
CA GLY A 138 1.38 2.76 -14.75
C GLY A 138 2.09 2.96 -16.08
N ASP A 139 1.47 3.80 -16.91
CA ASP A 139 1.86 4.01 -18.32
C ASP A 139 2.47 5.41 -18.44
N GLY A 140 3.43 5.58 -19.33
CA GLY A 140 4.03 6.90 -19.51
C GLY A 140 5.07 7.20 -18.45
N ASP A 141 5.56 8.44 -18.45
CA ASP A 141 6.68 8.79 -17.64
C ASP A 141 6.15 8.98 -16.24
N PRO A 142 6.83 8.38 -15.26
CA PRO A 142 6.34 8.46 -13.89
C PRO A 142 6.43 9.83 -13.25
N PRO A 143 5.60 10.15 -12.23
CA PRO A 143 5.80 11.36 -11.41
C PRO A 143 6.94 11.12 -10.45
N PRO A 144 7.41 12.15 -9.73
CA PRO A 144 8.34 11.97 -8.62
C PRO A 144 7.68 11.04 -7.58
N LEU A 145 8.48 10.17 -6.99
CA LEU A 145 8.02 9.23 -5.95
C LEU A 145 7.33 9.99 -4.82
N ALA A 146 7.82 11.20 -4.52
CA ALA A 146 7.31 11.96 -3.38
C ALA A 146 5.80 12.16 -3.49
N ARG A 147 5.27 12.24 -4.73
CA ARG A 147 3.86 12.47 -4.92
C ARG A 147 3.04 11.36 -4.21
N ASP A 148 3.61 10.15 -4.12
CA ASP A 148 2.88 8.91 -3.73
C ASP A 148 3.44 8.37 -2.42
N THR A 149 4.05 9.27 -1.63
CA THR A 149 4.55 8.92 -0.35
C THR A 149 4.12 9.98 0.68
N PRO A 150 4.02 9.63 1.97
CA PRO A 150 3.52 10.59 2.95
C PRO A 150 4.64 11.57 3.26
N PRO A 151 4.32 12.75 3.84
CA PRO A 151 5.36 13.70 4.25
C PRO A 151 6.36 13.05 5.18
N ASN A 152 7.63 13.42 4.95
CA ASN A 152 8.75 13.12 5.82
C ASN A 152 9.33 11.75 5.54
N PHE A 153 8.63 10.88 4.79
CA PHE A 153 9.13 9.55 4.53
C PHE A 153 10.49 9.64 3.81
N LEU A 154 10.63 10.56 2.89
CA LEU A 154 11.87 10.65 2.08
C LEU A 154 12.86 11.68 2.66
N ASP A 155 12.67 12.17 3.88
CA ASP A 155 13.69 13.07 4.50
C ASP A 155 15.05 12.36 4.62
N ASP A 156 16.14 13.11 4.37
CA ASP A 156 17.54 12.54 4.38
C ASP A 156 17.87 11.76 5.65
N ASP A 157 17.51 12.32 6.81
CA ASP A 157 17.90 11.77 8.10
C ASP A 157 16.94 10.65 8.51
N MET A 158 15.79 10.53 7.83
CA MET A 158 14.77 9.54 8.24
C MET A 158 15.28 8.14 7.95
N GLU A 159 15.44 7.31 8.99
CA GLU A 159 15.87 5.96 8.86
C GLU A 159 14.61 5.07 8.89
N ILE A 160 14.44 4.28 7.83
CA ILE A 160 13.25 3.40 7.67
C ILE A 160 13.68 1.95 7.84
N LEU A 161 12.97 1.20 8.69
CA LEU A 161 13.05 -0.22 8.80
C LEU A 161 11.62 -0.77 8.74
N GLY A 162 11.47 -2.05 8.40
CA GLY A 162 10.09 -2.52 8.29
C GLY A 162 9.98 -3.97 8.03
N LYS A 163 8.74 -4.36 7.63
CA LYS A 163 8.32 -5.70 7.45
C LYS A 163 7.21 -5.72 6.37
N ASN A 164 7.11 -6.82 5.61
CA ASN A 164 6.13 -6.97 4.56
C ASN A 164 5.53 -8.37 4.66
N GLN A 165 4.22 -8.50 4.38
CA GLN A 165 3.61 -9.79 4.27
C GLN A 165 2.36 -9.67 3.39
N ILE A 166 1.84 -10.81 2.98
CA ILE A 166 0.62 -10.91 2.17
C ILE A 166 -0.56 -11.19 3.10
N ILE A 167 -1.59 -10.38 2.98
CA ILE A 167 -2.79 -10.50 3.80
C ILE A 167 -4.02 -10.71 2.88
N LYS A 168 -4.88 -11.62 3.29
CA LYS A 168 -6.07 -12.00 2.56
CA LYS A 168 -6.06 -11.96 2.49
C LYS A 168 -7.24 -11.06 2.87
N SER A 169 -7.15 -9.82 2.42
CA SER A 169 -8.29 -8.98 2.23
C SER A 169 -8.04 -8.03 1.06
N ASN A 170 -9.13 -7.48 0.54
CA ASN A 170 -9.01 -6.40 -0.38
C ASN A 170 -8.25 -5.24 0.30
N TRP A 171 -7.47 -4.50 -0.51
CA TRP A 171 -6.63 -3.40 -0.02
C TRP A 171 -7.48 -2.28 0.62
N ARG A 172 -8.70 -2.08 0.13
CA ARG A 172 -9.52 -0.96 0.68
C ARG A 172 -9.97 -1.23 2.12
N LEU A 173 -10.27 -2.50 2.42
CA LEU A 173 -10.62 -2.88 3.81
C LEU A 173 -9.45 -2.54 4.76
N ALA A 174 -8.21 -2.72 4.27
CA ALA A 174 -7.04 -2.41 5.06
C ALA A 174 -6.86 -0.91 5.27
N VAL A 175 -7.07 -0.10 4.22
CA VAL A 175 -6.92 1.34 4.31
C VAL A 175 -7.94 1.86 5.34
N GLU A 176 -9.17 1.38 5.16
CA GLU A 176 -10.22 1.95 5.95
C GLU A 176 -10.00 1.59 7.42
N ASN A 177 -9.66 0.32 7.70
CA ASN A 177 -9.35 -0.08 9.09
C ASN A 177 -8.26 0.84 9.68
N GLY A 178 -7.21 1.12 8.92
CA GLY A 178 -6.08 1.89 9.41
C GLY A 178 -6.47 3.31 9.75
N PHE A 179 -7.34 3.91 8.95
CA PHE A 179 -7.72 5.29 9.10
C PHE A 179 -9.04 5.45 9.86
N ASP A 180 -9.48 4.44 10.59
CA ASP A 180 -10.78 4.42 11.23
C ASP A 180 -10.63 4.85 12.70
N PRO A 181 -11.07 6.05 13.12
CA PRO A 181 -10.75 6.52 14.47
C PRO A 181 -11.28 5.60 15.58
N SER A 182 -12.47 5.00 15.40
CA SER A 182 -13.06 4.26 16.45
C SER A 182 -12.46 2.84 16.52
N HIS A 183 -11.69 2.41 15.51
CA HIS A 183 -11.21 1.05 15.54
C HIS A 183 -10.13 0.86 16.62
N ILE A 184 -9.67 1.95 17.23
CA ILE A 184 -8.72 1.91 18.32
C ILE A 184 -9.21 0.99 19.45
N TYR A 185 -10.52 0.76 19.53
CA TYR A 185 -11.12 -0.17 20.46
C TYR A 185 -10.45 -1.55 20.40
N ILE A 186 -10.09 -2.02 19.19
CA ILE A 186 -9.62 -3.39 19.04
C ILE A 186 -8.19 -3.52 19.62
N HIS A 187 -7.52 -2.39 19.86
CA HIS A 187 -6.15 -2.38 20.32
C HIS A 187 -6.06 -2.26 21.85
N LYS A 188 -7.20 -2.24 22.55
CA LYS A 188 -7.25 -1.91 23.98
C LYS A 188 -6.47 -2.91 24.84
N ASP A 189 -6.35 -4.15 24.40
CA ASP A 189 -5.54 -5.12 25.16
C ASP A 189 -4.13 -5.40 24.57
N SER A 190 -3.61 -4.55 23.67
CA SER A 190 -2.32 -4.81 22.97
C SER A 190 -1.20 -4.87 24.02
N ILE A 191 -0.26 -5.81 23.89
CA ILE A 191 0.95 -5.82 24.74
C ILE A 191 1.66 -4.46 24.65
N LEU A 192 1.62 -3.80 23.48
CA LEU A 192 2.30 -2.55 23.31
C LEU A 192 1.76 -1.50 24.29
N VAL A 193 0.47 -1.60 24.62
CA VAL A 193 -0.18 -0.54 25.39
C VAL A 193 0.36 -0.57 26.84
N LYS A 194 0.39 -1.77 27.43
CA LYS A 194 0.93 -1.97 28.79
C LYS A 194 2.45 -1.78 28.72
N ASP A 195 3.12 -2.50 27.82
CA ASP A 195 4.55 -2.60 27.89
C ASP A 195 5.25 -1.34 27.38
N ASN A 196 4.56 -0.40 26.73
CA ASN A 196 5.19 0.85 26.35
C ASN A 196 4.44 2.03 26.99
N ASP A 197 3.61 1.74 27.98
CA ASP A 197 3.01 2.76 28.83
C ASP A 197 2.27 3.81 28.00
N LEU A 198 1.43 3.36 27.03
CA LEU A 198 0.72 4.28 26.16
C LEU A 198 -0.56 4.76 26.84
N ALA A 199 -0.91 6.02 26.56
CA ALA A 199 -2.25 6.54 26.71
C ALA A 199 -3.05 6.08 25.46
N LEU A 200 -4.20 5.44 25.65
CA LEU A 200 -4.95 5.00 24.48
C LEU A 200 -6.40 5.01 24.84
N PRO A 201 -7.18 5.93 24.29
CA PRO A 201 -8.61 5.92 24.55
C PRO A 201 -9.31 4.69 23.94
N LEU A 202 -10.58 4.52 24.31
CA LEU A 202 -11.44 3.52 23.71
C LEU A 202 -12.02 4.03 22.39
N GLY A 203 -12.12 5.35 22.24
CA GLY A 203 -12.86 6.00 21.15
C GLY A 203 -12.90 7.49 21.36
N PHE A 204 -13.85 8.16 20.69
CA PHE A 204 -13.98 9.61 20.60
C PHE A 204 -15.45 10.03 20.56
N ALA A 205 -15.78 11.07 21.35
CA ALA A 205 -17.01 11.80 21.21
C ALA A 205 -16.73 13.02 20.33
N PRO A 206 -17.14 13.01 19.04
CA PRO A 206 -16.74 14.08 18.11
C PRO A 206 -17.40 15.41 18.52
N GLY A 207 -16.78 16.51 18.13
CA GLY A 207 -17.42 17.84 18.25
C GLY A 207 -17.09 18.66 17.04
N GLY A 208 -17.67 19.85 16.94
CA GLY A 208 -17.46 20.66 15.77
C GLY A 208 -18.33 20.19 14.62
N ASP A 209 -18.13 20.76 13.43
CA ASP A 209 -18.91 20.42 12.29
C ASP A 209 -18.18 19.31 11.49
N ARG A 210 -18.87 18.84 10.45
CA ARG A 210 -18.44 17.77 9.58
C ARG A 210 -17.06 18.09 9.00
N LYS A 211 -16.92 19.30 8.43
CA LYS A 211 -15.71 19.69 7.75
C LYS A 211 -14.54 19.77 8.75
N GLN A 212 -14.82 20.02 10.03
CA GLN A 212 -13.75 20.15 11.00
C GLN A 212 -13.15 18.78 11.38
N GLN A 213 -13.80 17.70 10.99
CA GLN A 213 -13.37 16.34 11.41
C GLN A 213 -12.11 15.88 10.65
N THR A 214 -11.82 16.53 9.52
CA THR A 214 -10.66 16.18 8.69
C THR A 214 -10.03 17.44 8.10
N ARG A 215 -8.79 17.31 7.62
CA ARG A 215 -8.18 18.24 6.68
CA ARG A 215 -8.24 18.25 6.64
C ARG A 215 -7.89 17.46 5.36
N VAL A 216 -8.58 17.82 4.31
CA VAL A 216 -8.34 17.29 2.99
C VAL A 216 -7.19 18.06 2.36
N VAL A 217 -6.13 17.37 1.98
CA VAL A 217 -4.94 18.00 1.42
C VAL A 217 -4.95 17.85 -0.10
N ASP A 218 -5.18 18.94 -0.84
CA ASP A 218 -4.91 18.96 -2.28
C ASP A 218 -4.08 20.21 -2.63
N ASP A 219 -3.34 20.73 -1.64
CA ASP A 219 -2.51 21.94 -1.77
C ASP A 219 -1.06 21.61 -1.40
N ASP A 220 -0.67 20.34 -1.43
CA ASP A 220 0.73 19.99 -1.14
C ASP A 220 1.53 20.26 -2.43
N VAL A 221 2.71 20.87 -2.28
CA VAL A 221 3.38 21.41 -3.48
CA VAL A 221 3.47 21.41 -3.42
C VAL A 221 4.00 20.25 -4.29
N VAL A 222 4.33 19.11 -3.65
CA VAL A 222 4.81 17.90 -4.42
C VAL A 222 3.63 17.10 -5.01
N GLY A 223 2.40 17.56 -4.82
CA GLY A 223 1.23 16.94 -5.46
C GLY A 223 0.65 15.73 -4.71
N ARG A 224 1.10 15.46 -3.47
CA ARG A 224 0.49 14.47 -2.60
C ARG A 224 -1.00 14.79 -2.44
N LYS A 225 -1.82 13.74 -2.29
CA LYS A 225 -3.21 13.93 -2.01
C LYS A 225 -3.58 13.02 -0.83
N GLY A 226 -4.18 13.60 0.20
CA GLY A 226 -4.47 12.87 1.40
C GLY A 226 -5.44 13.60 2.31
N VAL A 227 -5.69 12.94 3.45
CA VAL A 227 -6.65 13.39 4.45
C VAL A 227 -6.02 13.24 5.82
N TYR A 228 -6.04 14.30 6.63
CA TYR A 228 -5.71 14.21 8.04
C TYR A 228 -6.97 13.98 8.89
N ASP A 229 -6.85 13.12 9.90
CA ASP A 229 -7.92 12.80 10.84
C ASP A 229 -7.82 13.84 12.00
N LEU A 230 -8.83 14.70 12.11
CA LEU A 230 -8.79 15.79 13.12
C LEU A 230 -9.83 15.57 14.24
N ILE A 231 -10.22 14.32 14.52
CA ILE A 231 -11.36 14.07 15.39
C ILE A 231 -11.06 14.57 16.81
N GLY A 232 -9.77 14.62 17.17
CA GLY A 232 -9.36 14.98 18.50
C GLY A 232 -9.25 16.49 18.71
N GLU A 233 -9.45 17.31 17.69
CA GLU A 233 -9.30 18.73 17.84
C GLU A 233 -10.54 19.34 18.51
N HIS A 234 -11.74 18.88 18.15
CA HIS A 234 -12.99 19.39 18.74
C HIS A 234 -13.64 18.27 19.51
N GLY A 235 -13.10 17.04 19.37
CA GLY A 235 -13.66 15.88 20.01
C GLY A 235 -12.99 15.59 21.35
N VAL A 236 -13.65 14.75 22.14
CA VAL A 236 -13.19 14.38 23.43
C VAL A 236 -12.94 12.90 23.43
N PRO A 237 -11.73 12.44 23.84
CA PRO A 237 -11.44 11.01 23.93
C PRO A 237 -12.35 10.33 24.94
N VAL A 238 -12.67 9.05 24.69
CA VAL A 238 -13.50 8.26 25.54
C VAL A 238 -12.57 7.31 26.27
N PHE A 239 -12.57 7.36 27.61
CA PHE A 239 -11.76 6.44 28.42
C PHE A 239 -12.64 5.51 29.26
N GLU A 240 -13.94 5.80 29.35
CA GLU A 240 -14.79 4.98 30.09
C GLU A 240 -15.91 4.50 29.17
N GLY A 241 -15.99 3.19 28.99
CA GLY A 241 -17.05 2.60 28.22
C GLY A 241 -18.18 2.14 29.11
N THR A 242 -19.39 2.62 28.83
CA THR A 242 -20.54 2.36 29.62
C THR A 242 -21.58 1.61 28.80
N ILE A 243 -22.29 0.73 29.49
CA ILE A 243 -23.49 0.12 29.05
C ILE A 243 -24.59 0.37 30.08
N GLY A 244 -25.65 1.03 29.62
CA GLY A 244 -26.75 1.49 30.49
C GLY A 244 -26.25 2.35 31.65
N GLY A 245 -25.20 3.13 31.39
CA GLY A 245 -24.56 3.99 32.37
C GLY A 245 -23.49 3.33 33.21
N GLU A 246 -23.34 1.99 33.16
CA GLU A 246 -22.38 1.27 33.98
C GLU A 246 -21.02 1.18 33.29
N VAL A 247 -19.95 1.52 34.01
CA VAL A 247 -18.63 1.45 33.38
C VAL A 247 -18.22 -0.03 33.28
N VAL A 248 -18.00 -0.54 32.07
CA VAL A 248 -17.66 -1.93 31.89
C VAL A 248 -16.25 -2.10 31.30
N ARG A 249 -15.62 -1.04 30.81
CA ARG A 249 -14.33 -1.12 30.27
C ARG A 249 -13.70 0.27 30.36
N GLU A 250 -12.39 0.30 30.58
CA GLU A 250 -11.68 1.54 30.56
C GLU A 250 -10.52 1.49 29.56
N GLY A 251 -10.13 2.67 29.14
CA GLY A 251 -9.02 2.87 28.29
C GLY A 251 -7.73 2.72 29.09
N ALA A 252 -6.63 3.07 28.43
CA ALA A 252 -5.27 2.94 28.97
C ALA A 252 -4.76 4.32 29.36
N TYR A 253 -4.32 4.43 30.63
CA TYR A 253 -3.94 5.72 31.20
C TYR A 253 -2.42 5.82 31.38
N GLY A 254 -1.64 5.38 30.41
CA GLY A 254 -0.19 5.54 30.45
C GLY A 254 0.22 6.96 30.14
N GLU A 255 1.53 7.20 30.19
CA GLU A 255 2.17 8.50 30.10
C GLU A 255 2.49 8.90 28.67
N LYS A 256 2.85 7.91 27.83
CA LYS A 256 3.37 8.21 26.50
C LYS A 256 2.21 8.55 25.57
N ILE A 257 2.26 9.77 25.02
CA ILE A 257 1.31 10.29 24.09
C ILE A 257 1.78 9.95 22.66
N VAL A 258 0.92 9.25 21.91
CA VAL A 258 1.25 8.85 20.53
C VAL A 258 0.06 9.22 19.62
N ALA A 259 0.31 9.13 18.31
CA ALA A 259 -0.70 9.29 17.28
C ALA A 259 -1.42 10.64 17.38
N ASN A 260 -0.66 11.72 17.54
CA ASN A 260 -1.11 13.12 17.40
C ASN A 260 -1.60 13.42 15.97
N ASP A 261 -0.87 12.97 14.93
CA ASP A 261 -1.18 13.24 13.51
C ASP A 261 -1.41 11.90 12.78
N ILE A 262 -2.56 11.74 12.14
CA ILE A 262 -2.89 10.53 11.40
C ILE A 262 -3.38 11.01 10.03
N SER A 263 -2.77 10.48 8.95
CA SER A 263 -3.08 10.94 7.63
C SER A 263 -3.04 9.74 6.68
N ILE A 264 -3.98 9.76 5.73
CA ILE A 264 -4.01 8.70 4.71
C ILE A 264 -3.77 9.38 3.39
N TRP A 265 -2.97 8.74 2.52
CA TRP A 265 -2.54 9.34 1.27
C TRP A 265 -2.74 8.33 0.16
N LEU A 266 -3.10 8.84 -1.03
CA LEU A 266 -3.08 8.07 -2.25
C LEU A 266 -1.64 7.67 -2.52
N PRO A 267 -1.45 6.43 -3.00
CA PRO A 267 -2.48 5.47 -3.42
C PRO A 267 -3.10 4.59 -2.31
N GLY A 268 -2.62 4.74 -1.09
CA GLY A 268 -3.11 3.97 0.04
C GLY A 268 -1.99 3.74 1.04
N VAL A 269 -1.54 4.84 1.67
CA VAL A 269 -0.50 4.75 2.69
C VAL A 269 -0.93 5.66 3.86
N LEU A 270 -0.79 5.09 5.05
CA LEU A 270 -1.13 5.68 6.33
C LEU A 270 0.17 6.14 6.99
N LYS A 271 0.11 7.33 7.59
CA LYS A 271 1.22 7.84 8.42
C LYS A 271 0.67 8.16 9.81
N VAL A 272 1.23 7.54 10.82
CA VAL A 272 0.81 7.82 12.19
C VAL A 272 2.03 8.36 12.96
N ASN A 273 1.87 9.57 13.51
CA ASN A 273 2.96 10.32 14.07
C ASN A 273 2.54 10.93 15.41
N PRO A 274 3.26 10.67 16.51
CA PRO A 274 4.36 9.70 16.58
C PRO A 274 3.82 8.32 16.94
N PHE A 275 4.53 7.25 16.57
CA PHE A 275 4.07 5.89 16.87
C PHE A 275 5.17 4.92 16.46
N PRO A 276 5.37 3.83 17.19
CA PRO A 276 4.72 3.45 18.43
C PRO A 276 5.35 4.03 19.72
N ASN A 277 6.25 5.01 19.54
CA ASN A 277 6.97 5.71 20.62
C ASN A 277 6.98 7.18 20.25
N PRO A 278 7.03 8.11 21.22
CA PRO A 278 6.99 9.55 20.91
C PRO A 278 8.09 10.07 19.96
N ASP A 279 9.16 9.30 19.74
CA ASP A 279 10.29 9.79 18.95
C ASP A 279 10.38 9.12 17.57
N MET A 280 9.33 8.39 17.17
CA MET A 280 9.34 7.70 15.84
C MET A 280 7.96 7.79 15.18
N MET A 281 7.89 7.48 13.88
CA MET A 281 6.63 7.46 13.13
C MET A 281 6.45 6.13 12.38
N GLN A 282 5.18 5.84 12.06
CA GLN A 282 4.81 4.64 11.32
C GLN A 282 4.23 5.08 9.98
N PHE A 283 4.73 4.45 8.92
CA PHE A 283 4.15 4.57 7.57
C PHE A 283 3.79 3.17 7.08
N GLU A 284 2.53 2.94 6.69
CA GLU A 284 2.17 1.60 6.25
C GLU A 284 1.35 1.70 4.98
N TRP A 285 1.67 0.82 4.04
CA TRP A 285 1.02 0.72 2.79
C TRP A 285 0.13 -0.53 2.74
N TYR A 286 -0.98 -0.44 1.99
CA TYR A 286 -1.83 -1.55 1.76
C TYR A 286 -1.90 -1.72 0.22
N VAL A 287 -1.01 -2.53 -0.30
CA VAL A 287 -0.72 -2.60 -1.71
C VAL A 287 -1.55 -3.68 -2.40
N PRO A 288 -2.33 -3.34 -3.43
CA PRO A 288 -3.21 -4.33 -4.04
C PRO A 288 -2.43 -5.39 -4.81
N ILE A 289 -2.65 -6.66 -4.49
CA ILE A 289 -2.06 -7.75 -5.21
C ILE A 289 -3.09 -8.27 -6.23
N ASP A 290 -4.31 -8.59 -5.75
CA ASP A 290 -5.45 -8.93 -6.57
C ASP A 290 -6.69 -8.49 -5.80
N GLU A 291 -7.87 -8.91 -6.24
CA GLU A 291 -9.07 -8.36 -5.62
C GLU A 291 -9.22 -8.82 -4.18
N ASN A 292 -8.53 -9.91 -3.82
CA ASN A 292 -8.70 -10.56 -2.54
C ASN A 292 -7.53 -10.36 -1.57
N THR A 293 -6.42 -9.72 -1.99
CA THR A 293 -5.19 -9.80 -1.23
CA THR A 293 -5.17 -9.83 -1.29
C THR A 293 -4.36 -8.52 -1.40
N HIS A 294 -3.62 -8.19 -0.36
CA HIS A 294 -2.75 -7.01 -0.42
C HIS A 294 -1.43 -7.30 0.29
N TYR A 295 -0.40 -6.51 -0.04
CA TYR A 295 0.80 -6.45 0.79
C TYR A 295 0.54 -5.47 1.92
N TYR A 296 0.81 -5.89 3.15
CA TYR A 296 0.81 -5.03 4.28
C TYR A 296 2.26 -4.64 4.53
N PHE A 297 2.61 -3.49 3.98
CA PHE A 297 4.00 -3.02 3.91
C PHE A 297 4.16 -1.97 5.01
N GLN A 298 4.73 -2.42 6.13
CA GLN A 298 4.86 -1.63 7.35
C GLN A 298 6.27 -1.07 7.46
N THR A 299 6.39 0.21 7.77
CA THR A 299 7.70 0.80 8.04
C THR A 299 7.59 1.67 9.30
N LEU A 300 8.69 1.70 10.06
CA LEU A 300 8.89 2.64 11.16
C LEU A 300 10.09 3.48 10.80
N GLY A 301 9.91 4.79 10.95
CA GLY A 301 10.86 5.82 10.67
C GLY A 301 11.26 6.58 11.94
N LYS A 302 12.56 6.83 12.05
CA LYS A 302 13.17 7.63 13.14
C LYS A 302 14.32 8.46 12.57
N PRO A 303 14.31 9.80 12.72
CA PRO A 303 15.45 10.62 12.30
C PRO A 303 16.71 10.18 13.06
N CYS A 304 17.77 9.81 12.31
CA CYS A 304 19.07 9.42 12.85
C CYS A 304 20.17 10.29 12.22
N ALA A 305 21.11 10.74 13.06
CA ALA A 305 22.10 11.78 12.69
C ALA A 305 23.40 11.16 12.16
N ASN A 306 23.64 9.87 12.39
CA ASN A 306 24.91 9.24 12.06
C ASN A 306 24.75 7.71 12.17
N ASP A 307 25.81 6.96 11.87
CA ASP A 307 25.79 5.47 11.81
C ASP A 307 25.57 4.86 13.18
N GLU A 308 25.95 5.60 14.24
CA GLU A 308 25.80 5.13 15.60
C GLU A 308 24.30 5.07 15.95
N GLU A 309 23.60 6.18 15.72
CA GLU A 309 22.15 6.27 15.94
C GLU A 309 21.42 5.23 15.06
N ARG A 310 21.90 5.05 13.82
CA ARG A 310 21.29 4.13 12.85
C ARG A 310 21.39 2.69 13.38
N LYS A 311 22.54 2.33 13.97
CA LYS A 311 22.77 0.97 14.38
C LYS A 311 21.97 0.66 15.64
N LYS A 312 21.82 1.63 16.56
CA LYS A 312 21.05 1.35 17.77
C LYS A 312 19.54 1.32 17.42
N TYR A 313 19.07 2.25 16.57
CA TYR A 313 17.67 2.20 16.04
C TYR A 313 17.37 0.78 15.54
N GLU A 314 18.28 0.25 14.73
CA GLU A 314 18.14 -1.03 14.14
C GLU A 314 18.00 -2.07 15.23
N GLN A 315 18.82 -1.97 16.30
CA GLN A 315 18.80 -2.99 17.35
C GLN A 315 17.49 -2.93 18.16
N GLU A 316 17.02 -1.73 18.46
CA GLU A 316 15.70 -1.48 19.14
C GLU A 316 14.55 -2.04 18.26
N PHE A 317 14.62 -1.74 16.96
CA PHE A 317 13.66 -2.21 15.96
C PHE A 317 13.53 -3.72 16.10
N GLU A 318 14.66 -4.44 16.03
CA GLU A 318 14.63 -5.89 16.02
C GLU A 318 14.20 -6.44 17.38
N SER A 319 14.65 -5.83 18.48
CA SER A 319 14.44 -6.46 19.81
C SER A 319 13.09 -6.02 20.39
N LYS A 320 12.66 -4.80 20.05
CA LYS A 320 11.45 -4.28 20.65
C LYS A 320 10.35 -4.00 19.58
N TRP A 321 10.58 -3.03 18.68
CA TRP A 321 9.48 -2.41 17.92
C TRP A 321 8.84 -3.40 16.97
N LYS A 322 9.61 -4.32 16.38
CA LYS A 322 9.04 -5.27 15.45
C LYS A 322 8.10 -6.22 16.19
N PRO A 323 8.54 -6.98 17.23
CA PRO A 323 7.64 -7.90 17.92
C PRO A 323 6.54 -7.18 18.71
N MET A 324 6.87 -6.08 19.37
CA MET A 324 5.94 -5.45 20.26
C MET A 324 4.88 -4.61 19.50
N ALA A 325 5.31 -3.90 18.45
CA ALA A 325 4.43 -2.92 17.76
C ALA A 325 3.92 -3.48 16.43
N LEU A 326 4.82 -3.74 15.49
CA LEU A 326 4.44 -4.16 14.14
C LEU A 326 3.69 -5.47 14.21
N GLU A 327 4.03 -6.35 15.17
CA GLU A 327 3.32 -7.59 15.39
C GLU A 327 2.34 -7.48 16.52
N GLY A 328 2.81 -7.16 17.72
CA GLY A 328 1.94 -7.14 18.86
C GLY A 328 0.81 -6.10 18.81
N PHE A 329 1.00 -4.98 18.14
CA PHE A 329 -0.12 -4.02 18.00
C PHE A 329 -0.93 -4.31 16.72
N ASN A 330 -0.25 -4.42 15.56
CA ASN A 330 -0.95 -4.51 14.27
C ASN A 330 -1.51 -5.89 13.92
N ASN A 331 -1.15 -6.99 14.64
CA ASN A 331 -1.75 -8.24 14.36
C ASN A 331 -3.30 -8.19 14.46
N ASP A 332 -3.81 -7.41 15.40
CA ASP A 332 -5.24 -7.31 15.55
C ASP A 332 -5.85 -6.64 14.31
N ASP A 333 -5.10 -5.75 13.69
CA ASP A 333 -5.61 -5.11 12.50
C ASP A 333 -5.79 -6.13 11.37
N ILE A 334 -4.96 -7.15 11.34
CA ILE A 334 -5.00 -8.12 10.28
C ILE A 334 -6.31 -8.88 10.34
N TRP A 335 -6.63 -9.43 11.52
CA TRP A 335 -7.82 -10.24 11.58
C TRP A 335 -9.09 -9.35 11.51
N ALA A 336 -9.01 -8.10 11.92
CA ALA A 336 -10.17 -7.13 11.73
C ALA A 336 -10.44 -6.95 10.23
N ARG A 337 -9.37 -6.77 9.43
CA ARG A 337 -9.56 -6.62 7.98
C ARG A 337 -10.26 -7.87 7.45
N GLU A 338 -9.76 -9.03 7.86
CA GLU A 338 -10.21 -10.30 7.39
C GLU A 338 -11.72 -10.49 7.67
N ALA A 339 -12.16 -9.97 8.81
CA ALA A 339 -13.55 -10.13 9.26
C ALA A 339 -14.52 -9.29 8.44
N MET A 340 -14.03 -8.32 7.66
CA MET A 340 -14.93 -7.52 6.83
C MET A 340 -15.06 -8.11 5.42
N VAL A 341 -14.26 -9.14 5.11
CA VAL A 341 -14.23 -9.67 3.75
C VAL A 341 -15.61 -10.10 3.28
N ASP A 342 -16.33 -10.86 4.10
CA ASP A 342 -17.58 -11.47 3.62
C ASP A 342 -18.62 -10.41 3.27
N PHE A 343 -18.78 -9.38 4.10
CA PHE A 343 -19.75 -8.35 3.86
C PHE A 343 -19.48 -7.54 2.60
N TYR A 344 -18.20 -7.34 2.25
CA TYR A 344 -17.79 -6.53 1.09
C TYR A 344 -17.55 -7.37 -0.19
N ALA A 345 -17.68 -8.68 -0.08
CA ALA A 345 -17.24 -9.64 -1.15
C ALA A 345 -18.09 -9.52 -2.42
N ASP A 346 -19.37 -9.23 -2.27
CA ASP A 346 -20.31 -9.15 -3.35
C ASP A 346 -20.54 -7.70 -3.73
N ASP A 347 -19.70 -6.78 -3.23
CA ASP A 347 -19.74 -5.35 -3.52
C ASP A 347 -20.95 -4.67 -2.83
N LYS A 348 -21.72 -5.39 -2.04
CA LYS A 348 -22.92 -4.82 -1.47
C LYS A 348 -22.67 -4.17 -0.09
N GLY A 349 -21.55 -4.48 0.54
CA GLY A 349 -21.22 -3.85 1.80
C GLY A 349 -21.15 -2.35 1.66
N TRP A 350 -20.75 -1.88 0.47
CA TRP A 350 -20.59 -0.48 0.20
C TRP A 350 -21.94 0.24 0.30
N VAL A 351 -23.03 -0.47 0.06
CA VAL A 351 -24.35 0.16 0.15
C VAL A 351 -25.09 -0.28 1.41
N ASN A 352 -24.78 -1.45 1.98
CA ASN A 352 -25.56 -1.91 3.12
C ASN A 352 -24.91 -1.65 4.49
N GLU A 353 -23.68 -1.16 4.54
CA GLU A 353 -23.05 -0.70 5.77
C GLU A 353 -23.90 0.41 6.40
N ILE A 354 -23.89 0.52 7.72
CA ILE A 354 -24.48 1.71 8.39
C ILE A 354 -23.37 2.42 9.15
N LEU A 355 -22.96 3.56 8.64
CA LEU A 355 -21.83 4.32 9.18
C LEU A 355 -22.29 5.19 10.36
N PHE A 356 -21.35 5.53 11.24
CA PHE A 356 -21.59 6.48 12.35
C PHE A 356 -20.56 7.61 12.26
N GLU A 357 -20.56 8.47 13.27
CA GLU A 357 -19.96 9.81 13.15
C GLU A 357 -18.46 9.70 12.85
N SER A 358 -17.72 8.83 13.53
CA SER A 358 -16.28 8.81 13.35
C SER A 358 -15.92 8.31 11.96
N ASP A 359 -16.87 7.70 11.23
CA ASP A 359 -16.59 7.28 9.87
C ASP A 359 -16.52 8.47 8.91
N GLU A 360 -16.74 9.71 9.38
CA GLU A 360 -16.55 10.88 8.49
C GLU A 360 -15.13 10.86 7.90
N ALA A 361 -14.14 10.44 8.68
CA ALA A 361 -12.77 10.32 8.17
C ALA A 361 -12.70 9.38 6.96
N ILE A 362 -13.34 8.22 7.07
CA ILE A 362 -13.37 7.24 6.00
C ILE A 362 -14.09 7.82 4.78
N VAL A 363 -15.23 8.48 4.99
CA VAL A 363 -15.97 9.08 3.87
C VAL A 363 -15.09 10.11 3.13
N ALA A 364 -14.38 10.94 3.87
CA ALA A 364 -13.49 11.95 3.30
C ALA A 364 -12.40 11.29 2.41
N TRP A 365 -11.82 10.20 2.88
CA TRP A 365 -10.89 9.40 2.09
C TRP A 365 -11.57 8.84 0.83
N ARG A 366 -12.75 8.25 0.96
CA ARG A 366 -13.37 7.65 -0.17
C ARG A 366 -13.55 8.72 -1.27
N LYS A 367 -13.92 9.93 -0.85
CA LYS A 367 -14.16 11.05 -1.80
CA LYS A 367 -14.15 11.05 -1.78
C LYS A 367 -12.83 11.54 -2.39
N LEU A 368 -11.81 11.70 -1.56
CA LEU A 368 -10.48 12.13 -2.03
C LEU A 368 -9.92 11.13 -3.06
N ALA A 369 -10.01 9.84 -2.73
CA ALA A 369 -9.48 8.75 -3.60
C ALA A 369 -10.27 8.74 -4.90
N SER A 370 -11.58 8.95 -4.81
CA SER A 370 -12.45 8.99 -5.99
C SER A 370 -12.05 10.10 -6.96
N GLU A 371 -11.66 11.26 -6.41
CA GLU A 371 -11.47 12.48 -7.18
C GLU A 371 -10.03 12.56 -7.67
N HIS A 372 -9.07 12.07 -6.90
CA HIS A 372 -7.71 12.38 -7.22
C HIS A 372 -6.87 11.16 -7.61
N ASN A 373 -7.47 9.99 -7.73
CA ASN A 373 -6.66 8.81 -8.20
C ASN A 373 -6.24 9.02 -9.67
N GLN A 374 -5.19 8.33 -10.11
CA GLN A 374 -4.64 8.53 -11.44
C GLN A 374 -5.09 7.42 -12.43
N GLY A 375 -6.11 6.63 -12.06
CA GLY A 375 -6.68 5.65 -12.97
C GLY A 375 -7.21 4.44 -12.23
N ILE A 376 -8.23 3.82 -12.80
CA ILE A 376 -8.85 2.62 -12.28
C ILE A 376 -8.23 1.40 -12.99
N GLN A 377 -7.57 0.52 -12.25
CA GLN A 377 -7.08 -0.74 -12.80
C GLN A 377 -8.26 -1.64 -13.14
N THR A 378 -8.25 -2.21 -14.33
CA THR A 378 -9.34 -3.10 -14.79
C THR A 378 -8.82 -4.47 -15.19
N GLN A 379 -9.73 -5.43 -15.39
CA GLN A 379 -9.31 -6.76 -15.88
C GLN A 379 -8.68 -6.64 -17.28
N ALA A 380 -9.08 -5.67 -18.08
CA ALA A 380 -8.47 -5.49 -19.43
C ALA A 380 -6.98 -5.11 -19.31
N HIS A 381 -6.65 -4.30 -18.29
CA HIS A 381 -5.23 -4.04 -18.00
C HIS A 381 -4.50 -5.33 -17.67
N VAL A 382 -5.15 -6.21 -16.91
CA VAL A 382 -4.51 -7.39 -16.49
C VAL A 382 -4.38 -8.38 -17.67
N SER A 383 -5.41 -8.53 -18.49
CA SER A 383 -5.41 -9.64 -19.48
C SER A 383 -4.73 -9.16 -20.78
N GLY A 384 -4.71 -7.85 -21.02
CA GLY A 384 -3.80 -7.14 -21.94
C GLY A 384 -4.51 -6.53 -23.16
N LEU A 385 -3.67 -6.00 -24.08
CA LEU A 385 -4.02 -5.60 -25.52
C LEU A 385 -4.82 -6.72 -26.21
N GLU A 386 -5.85 -6.29 -26.97
CA GLU A 386 -6.74 -7.16 -27.79
C GLU A 386 -6.24 -7.15 -29.26
N HIS A 387 -5.75 -8.32 -29.73
CA HIS A 387 -5.26 -8.54 -31.12
C HIS A 387 -6.41 -9.09 -31.99
N HIS A 388 -6.45 -8.73 -33.28
CA HIS A 388 -7.36 -9.35 -34.27
C HIS A 388 -6.51 -9.80 -35.48
N HIS A 389 -5.75 -10.89 -35.30
CA HIS A 389 -4.72 -11.30 -36.26
C HIS A 389 -5.37 -11.87 -37.53
FE FE2 B . -5.26 -0.51 14.11
FE1 FES C . 7.64 -17.76 -24.65
FE2 FES C . 6.94 -19.23 -26.81
S1 FES C . 8.82 -18.10 -26.51
S2 FES C . 5.73 -18.90 -24.93
CK1 BPY D . -0.91 2.90 14.60
CK2 BPY D . -2.26 3.27 14.47
CK3 BPY D . -2.95 2.79 13.25
CK4 BPY D . -2.16 1.94 12.27
CK5 BPY D . -0.82 1.69 12.54
CK6 BPY D . -0.24 2.09 13.71
CK7 BPY D . -3.01 4.08 15.49
CK8 BPY D . -2.72 3.87 16.88
CK9 BPY D . -3.45 4.56 17.84
CKA BPY D . -4.41 5.45 17.46
CKB BPY D . -4.76 5.66 16.15
CKC BPY D . -4.07 4.94 15.16
OK1 BPY D . -2.79 1.50 11.14
OK2 BPY D . -4.21 3.14 12.92
C TRS E . 21.17 -2.96 -19.25
C1 TRS E . 20.12 -3.56 -18.36
C2 TRS E . 21.16 -3.67 -20.60
C3 TRS E . 22.53 -3.07 -18.63
N TRS E . 20.89 -1.50 -19.26
O1 TRS E . 20.63 -4.82 -18.03
O2 TRS E . 20.58 -2.95 -21.72
O3 TRS E . 22.95 -4.40 -18.76
S DMS F . 12.35 -17.88 -9.59
O DMS F . 12.26 -16.45 -9.97
C1 DMS F . 11.44 -18.80 -10.71
C2 DMS F . 13.94 -18.49 -9.85
C TRS G . 4.82 -9.30 -38.08
C1 TRS G . 5.42 -10.74 -38.07
C2 TRS G . 5.79 -8.33 -37.41
C3 TRS G . 3.47 -9.18 -37.35
N TRS G . 4.57 -8.92 -39.51
O1 TRS G . 4.97 -11.59 -39.15
O2 TRS G . 7.02 -8.48 -38.19
O3 TRS G . 2.41 -9.23 -38.30
#